data_4V35
#
_entry.id   4V35
#
_cell.length_a   94.180
_cell.length_b   94.180
_cell.length_c   166.860
_cell.angle_alpha   90.00
_cell.angle_beta   90.00
_cell.angle_gamma   90.00
#
_symmetry.space_group_name_H-M   'P 41 2 2'
#
loop_
_entity.id
_entity.type
_entity.pdbx_description
1 polymer 'ALANYL-TRNA-DEPENDENT L-ALANYL- PHOPHATIDYLGLYCEROL SYNTHASE'
2 non-polymer 'SULFATE ION'
3 non-polymer GLYCEROL
4 non-polymer 'ACETATE ION'
5 non-polymer 'CALCIUM ION'
6 non-polymer 'SODIUM ION'
7 non-polymer 'CHLORIDE ION'
8 water water
#
_entity_poly.entity_id   1
_entity_poly.type   'polypeptide(L)'
_entity_poly.pdbx_seq_one_letter_code
;GPGRAAPPAIREPNAEELQRAARIIRHSDQPDGGLALTGDKALLFHESDDAFLMYARRGRSMIALYDPIGPAMQRAELIW
QFRDLCDLHHARPVFYQVRAENLPFYMDIGLTALKLGEEARVDLLRFDLENAGAAMKDLRYTWNRGQRDGLALEFHEPGQ
APLDELKAISDAWLGGKQVREKGFSLGRFTPAYLNFFRIAIVRHQGKPVAFANLLETDSRELASLDLMRVHPDAPKLTME
FLMLGLILHYKAQGHARFSLGMVPLAGLQPRRGAPLTQRLGALVFRRGEQFYNFQGLRRFKDKFQPDWEPRYLAVPAGLD
PLVALADTAALIAGGLTGLVKR
;
_entity_poly.pdbx_strand_id   A
#
loop_
_chem_comp.id
_chem_comp.type
_chem_comp.name
_chem_comp.formula
ACT non-polymer 'ACETATE ION' 'C2 H3 O2 -1'
CA non-polymer 'CALCIUM ION' 'Ca 2'
CL non-polymer 'CHLORIDE ION' 'Cl -1'
GOL non-polymer GLYCEROL 'C3 H8 O3'
NA non-polymer 'SODIUM ION' 'Na 1'
SO4 non-polymer 'SULFATE ION' 'O4 S -2'
#
# COMPACT_ATOMS: atom_id res chain seq x y z
N PRO A 7 -3.55 16.56 -27.82
CA PRO A 7 -4.13 15.73 -26.75
C PRO A 7 -4.25 16.50 -25.44
N PRO A 8 -5.46 16.49 -24.84
CA PRO A 8 -5.75 17.19 -23.58
C PRO A 8 -4.72 16.89 -22.50
N ALA A 9 -4.44 17.86 -21.65
CA ALA A 9 -3.38 17.73 -20.67
C ALA A 9 -3.75 16.81 -19.51
N ILE A 10 -2.78 16.02 -19.07
CA ILE A 10 -2.90 15.23 -17.86
C ILE A 10 -3.01 16.16 -16.66
N ARG A 11 -4.03 15.97 -15.83
CA ARG A 11 -4.20 16.82 -14.66
C ARG A 11 -4.67 16.08 -13.41
N GLU A 12 -4.53 16.73 -12.27
CA GLU A 12 -5.01 16.21 -11.00
C GLU A 12 -6.53 16.24 -10.96
N PRO A 13 -7.13 15.30 -10.22
CA PRO A 13 -8.59 15.23 -10.12
C PRO A 13 -9.19 16.37 -9.29
N ASN A 14 -10.43 16.75 -9.59
CA ASN A 14 -11.16 17.71 -8.74
C ASN A 14 -11.91 17.00 -7.61
N ALA A 15 -12.56 17.78 -6.76
CA ALA A 15 -13.27 17.25 -5.61
C ALA A 15 -14.33 16.25 -6.03
N GLU A 16 -14.96 16.51 -7.16
CA GLU A 16 -16.01 15.65 -7.67
C GLU A 16 -15.44 14.32 -8.16
N GLU A 17 -14.30 14.38 -8.85
CA GLU A 17 -13.70 13.18 -9.35
C GLU A 17 -13.24 12.30 -8.18
N LEU A 18 -12.76 12.94 -7.12
CA LEU A 18 -12.32 12.21 -5.93
C LEU A 18 -13.48 11.48 -5.27
N GLN A 19 -14.65 12.13 -5.23
CA GLN A 19 -15.83 11.51 -4.67
C GLN A 19 -16.25 10.29 -5.50
N ARG A 20 -16.10 10.37 -6.82
CA ARG A 20 -16.36 9.23 -7.69
C ARG A 20 -15.40 8.09 -7.40
N ALA A 21 -14.12 8.41 -7.21
CA ALA A 21 -13.14 7.38 -6.87
C ALA A 21 -13.52 6.71 -5.56
N ALA A 22 -13.89 7.53 -4.58
CA ALA A 22 -14.25 7.06 -3.26
C ALA A 22 -15.39 6.03 -3.33
N ARG A 23 -16.41 6.31 -4.15
CA ARG A 23 -17.54 5.40 -4.35
C ARG A 23 -17.04 4.07 -4.90
N ILE A 24 -16.24 4.17 -5.95
CA ILE A 24 -15.66 3.00 -6.58
C ILE A 24 -14.85 2.18 -5.61
N ILE A 25 -14.05 2.83 -4.76
CA ILE A 25 -13.26 2.10 -3.80
C ILE A 25 -14.17 1.37 -2.81
N ARG A 26 -15.21 2.06 -2.36
CA ARG A 26 -16.12 1.46 -1.38
C ARG A 26 -16.77 0.19 -1.91
N HIS A 27 -17.06 0.19 -3.21
CA HIS A 27 -17.76 -0.93 -3.82
C HIS A 27 -16.82 -2.05 -4.22
N SER A 28 -15.54 -1.86 -3.96
CA SER A 28 -14.53 -2.79 -4.45
C SER A 28 -14.07 -3.75 -3.36
N ASP A 29 -13.14 -4.63 -3.72
CA ASP A 29 -12.41 -5.41 -2.73
C ASP A 29 -10.97 -4.95 -2.67
N GLN A 30 -10.70 -3.71 -3.07
CA GLN A 30 -9.33 -3.21 -3.13
C GLN A 30 -9.13 -1.94 -2.32
N PRO A 31 -9.03 -2.06 -0.99
CA PRO A 31 -8.88 -0.89 -0.10
C PRO A 31 -7.69 0.01 -0.47
N ASP A 32 -6.64 -0.58 -1.03
CA ASP A 32 -5.47 0.21 -1.39
C ASP A 32 -5.76 1.25 -2.46
N GLY A 33 -6.92 1.17 -3.10
CA GLY A 33 -7.32 2.22 -4.00
C GLY A 33 -7.50 3.56 -3.31
N GLY A 34 -7.64 3.51 -1.99
CA GLY A 34 -7.72 4.72 -1.18
C GLY A 34 -6.57 5.70 -1.42
N LEU A 35 -5.42 5.20 -1.89
CA LEU A 35 -4.27 6.05 -2.19
C LEU A 35 -4.62 7.10 -3.24
N ALA A 36 -5.66 6.83 -4.04
CA ALA A 36 -6.13 7.79 -5.02
C ALA A 36 -6.61 9.09 -4.38
N LEU A 37 -7.06 8.98 -3.13
CA LEU A 37 -7.74 10.08 -2.49
C LEU A 37 -6.82 11.22 -2.04
N THR A 38 -5.50 11.07 -2.23
CA THR A 38 -4.60 12.20 -1.92
C THR A 38 -4.77 13.31 -2.96
N GLY A 39 -5.21 12.94 -4.15
CA GLY A 39 -5.40 13.91 -5.21
C GLY A 39 -4.14 14.23 -5.98
N ASP A 40 -3.06 13.51 -5.73
CA ASP A 40 -1.81 13.79 -6.44
C ASP A 40 -1.59 12.84 -7.63
N LYS A 41 -2.56 11.97 -7.89
CA LYS A 41 -2.49 11.11 -9.07
C LYS A 41 -3.63 11.39 -10.02
N ALA A 42 -3.32 11.42 -11.32
CA ALA A 42 -4.36 11.52 -12.34
C ALA A 42 -5.24 10.28 -12.29
N LEU A 43 -6.50 10.45 -12.68
CA LEU A 43 -7.47 9.37 -12.62
C LEU A 43 -8.04 9.12 -13.99
N LEU A 44 -8.02 7.86 -14.39
CA LEU A 44 -8.61 7.46 -15.65
C LEU A 44 -9.80 6.61 -15.31
N PHE A 45 -10.98 7.09 -15.69
CA PHE A 45 -12.22 6.38 -15.35
C PHE A 45 -12.72 5.49 -16.47
N HIS A 46 -13.15 4.29 -16.11
CA HIS A 46 -13.82 3.44 -17.05
C HIS A 46 -15.11 4.12 -17.50
N GLU A 47 -15.50 3.89 -18.76
CA GLU A 47 -16.66 4.58 -19.34
C GLU A 47 -17.98 4.13 -18.72
N SER A 48 -18.12 4.32 -17.41
CA SER A 48 -19.30 3.90 -16.66
C SER A 48 -19.18 4.32 -15.21
N ASP A 49 -18.01 4.86 -14.87
CA ASP A 49 -17.65 5.26 -13.51
C ASP A 49 -17.81 4.15 -12.48
N ASP A 50 -17.45 2.94 -12.85
CA ASP A 50 -17.53 1.80 -11.96
C ASP A 50 -16.13 1.24 -11.73
N ALA A 51 -15.15 1.92 -12.31
CA ALA A 51 -13.75 1.50 -12.18
C ALA A 51 -12.83 2.66 -12.50
N PHE A 52 -11.63 2.65 -11.93
CA PHE A 52 -10.66 3.67 -12.30
C PHE A 52 -9.26 3.14 -12.19
N LEU A 53 -8.37 3.83 -12.90
CA LEU A 53 -6.92 3.60 -12.87
C LEU A 53 -6.27 4.90 -12.41
N MET A 54 -5.27 4.82 -11.53
CA MET A 54 -4.60 6.04 -11.09
C MET A 54 -3.14 6.01 -11.49
N TYR A 55 -2.61 7.16 -11.87
CA TYR A 55 -1.28 7.18 -12.44
C TYR A 55 -0.63 8.55 -12.34
N ALA A 56 0.66 8.59 -12.61
CA ALA A 56 1.41 9.84 -12.60
C ALA A 56 2.45 9.78 -13.71
N ARG A 57 2.89 10.95 -14.15
CA ARG A 57 3.86 11.02 -15.20
C ARG A 57 5.24 11.38 -14.64
N ARG A 58 6.25 10.69 -15.14
CA ARG A 58 7.62 11.01 -14.78
C ARG A 58 8.47 10.73 -16.02
N GLY A 59 9.21 11.73 -16.48
CA GLY A 59 9.92 11.61 -17.74
C GLY A 59 8.94 11.27 -18.85
N ARG A 60 9.28 10.27 -19.66
CA ARG A 60 8.39 9.84 -20.73
C ARG A 60 7.62 8.59 -20.33
N SER A 61 7.52 8.35 -19.03
CA SER A 61 6.73 7.24 -18.52
C SER A 61 5.46 7.73 -17.87
N MET A 62 4.38 6.98 -18.11
CA MET A 62 3.16 7.18 -17.36
C MET A 62 3.01 5.97 -16.48
N ILE A 63 3.12 6.20 -15.19
CA ILE A 63 3.25 5.12 -14.27
C ILE A 63 2.00 4.98 -13.45
N ALA A 64 1.32 3.85 -13.62
CA ALA A 64 0.12 3.57 -12.86
C ALA A 64 0.48 3.05 -11.47
N LEU A 65 -0.32 3.41 -10.48
CA LEU A 65 -0.16 2.86 -9.14
C LEU A 65 -1.10 1.69 -8.91
N TYR A 66 -0.55 0.49 -8.71
CA TYR A 66 -1.33 -0.75 -8.51
C TYR A 66 -2.17 -1.14 -9.73
N ASP A 67 -2.78 -2.31 -9.66
CA ASP A 67 -3.78 -2.70 -10.63
C ASP A 67 -4.97 -1.71 -10.56
N PRO A 68 -5.71 -1.54 -11.66
CA PRO A 68 -6.92 -0.71 -11.64
C PRO A 68 -7.92 -1.13 -10.55
N ILE A 69 -8.70 -0.18 -10.05
CA ILE A 69 -9.68 -0.46 -9.03
C ILE A 69 -11.04 -0.68 -9.67
N GLY A 70 -11.67 -1.82 -9.40
CA GLY A 70 -12.98 -2.13 -9.95
C GLY A 70 -13.12 -3.60 -10.30
N PRO A 71 -14.25 -3.98 -10.93
CA PRO A 71 -14.51 -5.36 -11.36
C PRO A 71 -13.53 -5.88 -12.41
N ALA A 72 -13.40 -7.19 -12.50
CA ALA A 72 -12.33 -7.81 -13.29
C ALA A 72 -12.27 -7.36 -14.75
N MET A 73 -13.44 -7.38 -15.39
CA MET A 73 -13.56 -7.02 -16.79
C MET A 73 -13.19 -5.55 -16.99
N GLN A 74 -13.67 -4.69 -16.11
CA GLN A 74 -13.34 -3.28 -16.18
C GLN A 74 -11.87 -3.04 -15.94
N ARG A 75 -11.24 -3.82 -15.05
CA ARG A 75 -9.80 -3.69 -14.84
C ARG A 75 -9.07 -4.01 -16.14
N ALA A 76 -9.47 -5.11 -16.77
CA ALA A 76 -8.81 -5.53 -18.00
C ALA A 76 -8.98 -4.45 -19.09
N GLU A 77 -10.18 -3.88 -19.16
CA GLU A 77 -10.48 -2.84 -20.15
C GLU A 77 -9.73 -1.55 -19.86
N LEU A 78 -9.56 -1.21 -18.58
CA LEU A 78 -8.82 0.00 -18.25
C LEU A 78 -7.34 -0.13 -18.64
N ILE A 79 -6.82 -1.36 -18.55
CA ILE A 79 -5.44 -1.57 -18.90
C ILE A 79 -5.23 -1.29 -20.40
N TRP A 80 -6.12 -1.81 -21.26
CA TRP A 80 -6.06 -1.46 -22.67
C TRP A 80 -6.25 0.06 -22.91
N GLN A 81 -7.21 0.66 -22.19
CA GLN A 81 -7.40 2.12 -22.28
C GLN A 81 -6.11 2.87 -21.99
N PHE A 82 -5.45 2.46 -20.92
CA PHE A 82 -4.22 3.10 -20.50
C PHE A 82 -3.14 2.97 -21.57
N ARG A 83 -3.12 1.83 -22.24
CA ARG A 83 -2.11 1.63 -23.29
C ARG A 83 -2.38 2.63 -24.41
N ASP A 84 -3.64 2.78 -24.79
CA ASP A 84 -4.02 3.76 -25.80
C ASP A 84 -3.65 5.17 -25.38
N LEU A 85 -3.89 5.47 -24.10
CA LEU A 85 -3.69 6.81 -23.59
C LEU A 85 -2.19 7.16 -23.59
N CYS A 86 -1.36 6.17 -23.23
CA CYS A 86 0.08 6.36 -23.28
C CYS A 86 0.54 6.58 -24.72
N ASP A 87 0.01 5.79 -25.65
CA ASP A 87 0.39 5.97 -27.05
C ASP A 87 -0.01 7.36 -27.53
N LEU A 88 -1.18 7.81 -27.10
CA LEU A 88 -1.66 9.13 -27.46
C LEU A 88 -0.71 10.22 -26.91
N HIS A 89 -0.04 9.95 -25.80
CA HIS A 89 0.85 10.95 -25.21
C HIS A 89 2.32 10.66 -25.45
N HIS A 90 2.61 9.74 -26.37
CA HIS A 90 4.00 9.38 -26.72
C HIS A 90 4.79 9.04 -25.47
N ALA A 91 4.21 8.19 -24.64
CA ALA A 91 4.77 7.82 -23.37
C ALA A 91 4.71 6.30 -23.21
N ARG A 92 5.64 5.75 -22.43
CA ARG A 92 5.64 4.32 -22.18
C ARG A 92 4.77 3.99 -20.96
N PRO A 93 3.99 2.91 -21.06
CA PRO A 93 3.21 2.50 -19.89
C PRO A 93 4.05 1.72 -18.89
N VAL A 94 3.83 2.00 -17.60
CA VAL A 94 4.46 1.28 -16.52
C VAL A 94 3.42 1.07 -15.45
N PHE A 95 3.37 -0.12 -14.86
CA PHE A 95 2.48 -0.34 -13.74
C PHE A 95 3.28 -0.69 -12.49
N TYR A 96 3.14 0.11 -11.46
CA TYR A 96 3.87 -0.10 -10.22
C TYR A 96 3.11 -0.97 -9.23
N GLN A 97 3.75 -2.07 -8.83
CA GLN A 97 3.26 -2.97 -7.77
C GLN A 97 1.96 -3.68 -8.14
N VAL A 98 2.01 -4.56 -9.13
CA VAL A 98 0.78 -5.24 -9.52
C VAL A 98 0.83 -6.73 -9.13
N ARG A 99 -0.34 -7.37 -9.16
CA ARG A 99 -0.46 -8.77 -8.73
C ARG A 99 -0.27 -9.71 -9.90
N ALA A 100 0.27 -10.88 -9.60
CA ALA A 100 0.55 -11.88 -10.61
C ALA A 100 -0.67 -12.20 -11.49
N GLU A 101 -1.86 -12.22 -10.89
CA GLU A 101 -3.05 -12.65 -11.63
C GLU A 101 -3.37 -11.70 -12.79
N ASN A 102 -2.80 -10.50 -12.78
CA ASN A 102 -3.10 -9.56 -13.87
C ASN A 102 -2.00 -9.47 -14.90
N LEU A 103 -0.89 -10.17 -14.66
CA LEU A 103 0.20 -10.20 -15.64
C LEU A 103 -0.26 -10.60 -17.03
N PRO A 104 -1.23 -11.55 -17.15
CA PRO A 104 -1.59 -11.83 -18.55
C PRO A 104 -2.17 -10.60 -19.26
N PHE A 105 -2.86 -9.75 -18.52
CA PHE A 105 -3.39 -8.52 -19.12
C PHE A 105 -2.24 -7.57 -19.48
N TYR A 106 -1.19 -7.52 -18.66
CA TYR A 106 -0.11 -6.61 -19.01
C TYR A 106 0.66 -7.16 -20.20
N MET A 107 0.82 -8.48 -20.32
N MET A 107 0.74 -8.51 -20.25
CA MET A 107 1.54 -8.95 -21.51
CA MET A 107 1.36 -9.29 -21.32
C MET A 107 0.72 -8.62 -22.74
C MET A 107 0.69 -9.02 -22.67
N ASP A 108 -0.59 -8.68 -22.62
CA ASP A 108 -1.40 -8.48 -23.82
C ASP A 108 -1.27 -7.05 -24.35
N ILE A 109 -0.96 -6.09 -23.47
CA ILE A 109 -0.70 -4.74 -23.97
C ILE A 109 0.81 -4.50 -24.16
N GLY A 110 1.57 -5.59 -24.21
CA GLY A 110 2.97 -5.52 -24.59
C GLY A 110 3.97 -5.20 -23.48
N LEU A 111 3.63 -5.51 -22.23
CA LEU A 111 4.54 -5.31 -21.11
C LEU A 111 5.05 -6.63 -20.60
N THR A 112 6.27 -6.63 -20.09
CA THR A 112 6.75 -7.75 -19.31
C THR A 112 6.78 -7.30 -17.87
N ALA A 113 7.42 -8.03 -16.99
CA ALA A 113 7.34 -7.67 -15.58
C ALA A 113 8.64 -7.97 -14.86
N LEU A 114 8.89 -7.18 -13.81
CA LEU A 114 10.06 -7.36 -12.95
C LEU A 114 9.57 -7.54 -11.52
N LYS A 115 10.16 -8.47 -10.78
CA LYS A 115 9.74 -8.62 -9.38
C LYS A 115 10.13 -7.35 -8.63
N LEU A 116 9.22 -6.85 -7.83
CA LEU A 116 9.42 -5.60 -7.11
C LEU A 116 9.61 -5.83 -5.62
N GLY A 117 8.92 -6.84 -5.10
CA GLY A 117 8.95 -7.21 -3.70
C GLY A 117 7.84 -8.22 -3.38
N GLU A 118 7.49 -8.33 -2.12
CA GLU A 118 6.44 -9.24 -1.69
C GLU A 118 5.53 -8.59 -0.65
N GLU A 119 4.24 -8.82 -0.80
CA GLU A 119 3.22 -8.31 0.08
C GLU A 119 2.85 -9.34 1.14
N ALA A 120 2.73 -8.88 2.39
CA ALA A 120 2.35 -9.77 3.47
C ALA A 120 0.88 -9.51 3.83
N ARG A 121 0.10 -10.58 3.86
CA ARG A 121 -1.30 -10.53 4.25
C ARG A 121 -1.60 -11.57 5.30
N VAL A 122 -2.31 -11.17 6.34
CA VAL A 122 -2.72 -12.08 7.37
C VAL A 122 -4.07 -12.67 7.02
N ASP A 123 -4.17 -13.99 7.09
CA ASP A 123 -5.45 -14.69 6.97
C ASP A 123 -6.15 -14.62 8.33
N LEU A 124 -7.13 -13.73 8.42
CA LEU A 124 -7.77 -13.41 9.68
C LEU A 124 -8.63 -14.59 10.13
N LEU A 125 -9.18 -15.34 9.18
CA LEU A 125 -10.02 -16.48 9.54
C LEU A 125 -9.19 -17.56 10.25
N ARG A 126 -7.99 -17.82 9.76
CA ARG A 126 -7.15 -18.88 10.34
C ARG A 126 -6.33 -18.36 11.50
N PHE A 127 -6.18 -17.04 11.60
CA PHE A 127 -5.38 -16.45 12.66
C PHE A 127 -6.04 -16.63 14.01
N ASP A 128 -5.26 -17.10 14.98
CA ASP A 128 -5.76 -17.23 16.33
C ASP A 128 -4.63 -17.23 17.35
N LEU A 129 -4.71 -16.35 18.35
CA LEU A 129 -3.68 -16.25 19.37
C LEU A 129 -3.42 -17.54 20.16
N GLU A 130 -4.42 -18.40 20.25
CA GLU A 130 -4.24 -19.64 20.99
C GLU A 130 -3.69 -20.81 20.14
N ASN A 131 -3.43 -20.56 18.87
CA ASN A 131 -2.78 -21.56 18.00
C ASN A 131 -1.36 -21.93 18.44
N ALA A 132 -0.91 -23.08 17.95
CA ALA A 132 0.40 -23.63 18.31
C ALA A 132 1.54 -22.74 17.81
N GLY A 133 2.70 -22.84 18.47
CA GLY A 133 3.90 -22.19 17.97
C GLY A 133 4.41 -21.02 18.79
N ALA A 134 5.65 -20.62 18.52
CA ALA A 134 6.30 -19.55 19.27
C ALA A 134 5.81 -18.16 18.88
N ALA A 135 5.44 -18.00 17.61
CA ALA A 135 5.01 -16.70 17.11
C ALA A 135 3.77 -16.21 17.86
N MET A 136 2.79 -17.10 18.03
CA MET A 136 1.59 -16.76 18.77
C MET A 136 1.91 -16.52 20.25
N LYS A 137 2.80 -17.34 20.80
CA LYS A 137 3.19 -17.17 22.20
C LYS A 137 3.74 -15.76 22.41
N ASP A 138 4.65 -15.34 21.52
CA ASP A 138 5.23 -14.00 21.59
C ASP A 138 4.16 -12.91 21.45
N LEU A 139 3.17 -13.14 20.58
CA LEU A 139 2.09 -12.17 20.41
C LEU A 139 1.22 -12.08 21.66
N ARG A 140 0.87 -13.22 22.25
CA ARG A 140 0.07 -13.22 23.47
C ARG A 140 0.79 -12.43 24.55
N TYR A 141 2.11 -12.55 24.58
CA TYR A 141 2.92 -11.82 25.54
C TYR A 141 2.84 -10.32 25.26
N THR A 142 2.97 -9.95 23.99
CA THR A 142 2.91 -8.55 23.59
C THR A 142 1.59 -7.92 23.99
N TRP A 143 0.49 -8.62 23.72
CA TRP A 143 -0.83 -8.10 24.04
C TRP A 143 -0.99 -7.86 25.54
N ASN A 144 -0.58 -8.83 26.35
CA ASN A 144 -0.76 -8.73 27.78
C ASN A 144 0.22 -7.74 28.41
N ARG A 145 1.50 -7.87 28.07
CA ARG A 145 2.52 -6.95 28.54
C ARG A 145 2.12 -5.52 28.17
N GLY A 146 1.79 -5.33 26.89
CA GLY A 146 1.36 -4.02 26.40
C GLY A 146 0.26 -3.40 27.26
N GLN A 147 -0.81 -4.15 27.48
CA GLN A 147 -1.91 -3.65 28.28
C GLN A 147 -1.44 -3.38 29.71
N ARG A 148 -0.63 -4.29 30.24
CA ARG A 148 -0.04 -4.11 31.56
C ARG A 148 0.72 -2.79 31.67
N ASP A 149 1.35 -2.39 30.56
CA ASP A 149 2.18 -1.19 30.52
C ASP A 149 1.42 0.07 30.11
N GLY A 150 0.10 -0.02 30.05
CA GLY A 150 -0.71 1.15 29.76
C GLY A 150 -0.93 1.49 28.29
N LEU A 151 -0.62 0.55 27.40
CA LEU A 151 -0.95 0.72 25.98
C LEU A 151 -2.39 0.34 25.73
N ALA A 152 -3.11 1.18 24.99
CA ALA A 152 -4.49 0.92 24.61
C ALA A 152 -4.78 1.44 23.19
N LEU A 153 -5.49 0.63 22.41
CA LEU A 153 -5.82 0.98 21.03
C LEU A 153 -7.25 1.50 20.98
N GLU A 154 -7.46 2.53 20.17
CA GLU A 154 -8.78 3.11 20.01
C GLU A 154 -9.05 3.34 18.53
N PHE A 155 -10.33 3.41 18.19
CA PHE A 155 -10.75 3.56 16.82
C PHE A 155 -11.65 4.76 16.64
N HIS A 156 -11.45 5.52 15.58
CA HIS A 156 -12.30 6.68 15.32
C HIS A 156 -12.92 6.63 13.94
N GLU A 157 -14.22 6.84 13.90
CA GLU A 157 -14.97 7.01 12.68
C GLU A 157 -14.35 8.18 11.88
N PRO A 158 -14.50 8.18 10.54
CA PRO A 158 -13.84 9.20 9.73
C PRO A 158 -14.17 10.64 10.10
N GLY A 159 -13.13 11.45 10.26
CA GLY A 159 -13.26 12.84 10.64
C GLY A 159 -13.29 13.10 12.13
N GLN A 160 -13.20 12.06 12.95
CA GLN A 160 -13.41 12.23 14.39
C GLN A 160 -12.13 12.15 15.20
N ALA A 161 -11.05 11.63 14.63
CA ALA A 161 -9.80 11.60 15.38
C ALA A 161 -9.36 13.04 15.63
N PRO A 162 -8.88 13.32 16.85
CA PRO A 162 -8.36 14.65 17.17
C PRO A 162 -7.07 14.93 16.38
N LEU A 163 -7.20 15.71 15.33
CA LEU A 163 -6.11 16.03 14.41
C LEU A 163 -4.85 16.54 15.09
N ASP A 164 -4.98 17.54 15.96
CA ASP A 164 -3.80 18.18 16.52
C ASP A 164 -2.95 17.20 17.34
N GLU A 165 -3.57 16.15 17.86
CA GLU A 165 -2.84 15.13 18.61
C GLU A 165 -2.12 14.20 17.65
N LEU A 166 -2.65 14.08 16.44
CA LEU A 166 -2.00 13.28 15.41
C LEU A 166 -0.75 14.00 14.90
N LYS A 167 -0.84 15.32 14.79
CA LYS A 167 0.24 16.15 14.23
C LYS A 167 1.47 16.03 15.10
N ALA A 168 1.26 16.12 16.41
CA ALA A 168 2.30 15.91 17.40
C ALA A 168 3.09 14.66 17.09
N ILE A 169 2.39 13.54 17.00
CA ILE A 169 2.99 12.25 16.66
C ILE A 169 3.68 12.30 15.29
N SER A 170 2.96 12.76 14.28
CA SER A 170 3.49 12.82 12.92
C SER A 170 4.71 13.71 12.82
N ASP A 171 4.71 14.82 13.54
CA ASP A 171 5.85 15.74 13.54
C ASP A 171 7.10 15.05 14.09
N ALA A 172 6.99 14.49 15.29
CA ALA A 172 8.11 13.79 15.93
C ALA A 172 8.68 12.69 15.05
N TRP A 173 7.79 12.00 14.33
CA TRP A 173 8.16 10.91 13.46
C TRP A 173 8.82 11.41 12.17
N LEU A 174 8.95 12.72 12.04
CA LEU A 174 9.53 13.30 10.83
C LEU A 174 10.48 14.44 11.19
N GLU A 181 6.43 15.34 2.21
CA GLU A 181 5.67 14.12 1.94
C GLU A 181 6.09 13.52 0.60
N LYS A 182 6.34 12.21 0.56
CA LYS A 182 6.85 11.56 -0.65
C LYS A 182 5.79 11.31 -1.73
N GLY A 183 4.55 11.08 -1.29
CA GLY A 183 3.42 10.95 -2.19
C GLY A 183 3.46 9.76 -3.13
N PHE A 184 2.74 9.88 -4.25
CA PHE A 184 2.45 8.78 -5.16
C PHE A 184 2.03 7.50 -4.44
N SER A 185 3.00 6.67 -4.03
CA SER A 185 2.66 5.40 -3.38
C SER A 185 2.37 5.56 -1.89
N LEU A 186 2.48 6.79 -1.38
CA LEU A 186 2.22 7.03 0.04
C LEU A 186 1.13 8.07 0.26
N GLY A 187 0.38 7.90 1.35
CA GLY A 187 -0.59 8.89 1.79
C GLY A 187 0.02 10.21 2.23
N ARG A 188 -0.83 11.19 2.47
CA ARG A 188 -0.37 12.50 2.91
C ARG A 188 -0.98 12.89 4.23
N PHE A 189 -0.17 13.41 5.14
CA PHE A 189 -0.72 13.87 6.39
C PHE A 189 -1.40 15.20 6.15
N THR A 190 -2.62 15.15 5.63
CA THR A 190 -3.47 16.33 5.53
C THR A 190 -4.87 15.94 5.96
N PRO A 191 -5.56 16.90 6.60
CA PRO A 191 -6.97 16.77 6.98
C PRO A 191 -7.82 16.27 5.82
N ALA A 192 -7.68 16.91 4.66
CA ALA A 192 -8.44 16.56 3.47
C ALA A 192 -8.42 15.06 3.22
N TYR A 193 -7.21 14.50 3.27
CA TYR A 193 -7.00 13.09 2.97
C TYR A 193 -7.41 12.18 4.12
N LEU A 194 -6.95 12.51 5.33
CA LEU A 194 -7.21 11.65 6.47
C LEU A 194 -8.70 11.59 6.82
N ASN A 195 -9.44 12.64 6.48
CA ASN A 195 -10.88 12.68 6.74
C ASN A 195 -11.66 11.56 6.06
N PHE A 196 -11.08 10.97 5.01
CA PHE A 196 -11.72 9.84 4.32
C PHE A 196 -11.67 8.53 5.12
N PHE A 197 -10.87 8.47 6.17
CA PHE A 197 -10.56 7.16 6.79
C PHE A 197 -10.87 7.02 8.27
N ARG A 198 -11.17 5.79 8.65
CA ARG A 198 -11.11 5.42 10.06
C ARG A 198 -9.68 5.53 10.50
N ILE A 199 -9.48 6.00 11.73
CA ILE A 199 -8.14 6.15 12.26
C ILE A 199 -8.02 5.45 13.60
N ALA A 200 -6.94 4.68 13.75
CA ALA A 200 -6.64 3.98 14.97
C ALA A 200 -5.55 4.73 15.71
N ILE A 201 -5.68 4.86 17.03
CA ILE A 201 -4.68 5.57 17.83
C ILE A 201 -4.25 4.69 18.98
N VAL A 202 -2.94 4.60 19.20
CA VAL A 202 -2.49 3.95 20.43
C VAL A 202 -2.12 5.00 21.46
N ARG A 203 -2.70 4.86 22.65
CA ARG A 203 -2.35 5.75 23.75
C ARG A 203 -1.52 4.99 24.76
N HIS A 204 -0.57 5.70 25.37
CA HIS A 204 0.20 5.16 26.48
C HIS A 204 -0.21 5.97 27.72
N GLN A 205 -0.99 5.33 28.59
CA GLN A 205 -1.53 5.99 29.77
C GLN A 205 -2.21 7.30 29.42
N GLY A 206 -2.96 7.31 28.31
CA GLY A 206 -3.71 8.49 27.92
C GLY A 206 -3.03 9.36 26.88
N LYS A 207 -1.71 9.27 26.80
CA LYS A 207 -0.94 10.06 25.84
C LYS A 207 -0.87 9.35 24.51
N PRO A 208 -1.17 10.08 23.41
CA PRO A 208 -1.11 9.51 22.06
C PRO A 208 0.32 9.23 21.65
N VAL A 209 0.61 8.03 21.15
CA VAL A 209 1.99 7.67 20.81
C VAL A 209 2.13 6.99 19.43
N ALA A 210 1.01 6.61 18.84
CA ALA A 210 1.03 6.14 17.45
C ALA A 210 -0.36 6.26 16.82
N PHE A 211 -0.38 6.37 15.49
CA PHE A 211 -1.64 6.31 14.77
C PHE A 211 -1.49 5.67 13.40
N ALA A 212 -2.62 5.31 12.80
CA ALA A 212 -2.66 4.72 11.48
C ALA A 212 -4.02 4.98 10.88
N ASN A 213 -4.04 5.40 9.62
CA ASN A 213 -5.31 5.50 8.90
C ASN A 213 -5.61 4.15 8.30
N LEU A 214 -6.88 3.77 8.29
CA LEU A 214 -7.24 2.42 7.88
C LEU A 214 -7.89 2.42 6.50
N LEU A 215 -7.38 1.60 5.60
CA LEU A 215 -7.97 1.47 4.26
C LEU A 215 -8.96 0.30 4.24
N GLU A 216 -10.24 0.63 4.06
CA GLU A 216 -11.30 -0.38 4.00
C GLU A 216 -12.17 -0.20 2.78
N THR A 217 -13.01 -1.18 2.50
CA THR A 217 -14.12 -1.02 1.56
C THR A 217 -15.40 -1.44 2.26
N ASP A 218 -16.54 -1.35 1.58
CA ASP A 218 -17.80 -1.80 2.16
C ASP A 218 -17.84 -3.31 2.39
N SER A 219 -17.01 -4.07 1.68
CA SER A 219 -16.98 -5.51 1.88
C SER A 219 -15.94 -5.84 2.95
N ARG A 220 -15.90 -7.08 3.40
CA ARG A 220 -14.93 -7.43 4.43
C ARG A 220 -13.87 -8.40 3.90
N GLU A 221 -13.61 -8.33 2.59
CA GLU A 221 -12.56 -9.14 1.99
C GLU A 221 -11.18 -8.74 2.49
N LEU A 222 -10.93 -7.45 2.53
CA LEU A 222 -9.58 -6.97 2.76
C LEU A 222 -9.58 -5.60 3.42
N ALA A 223 -8.75 -5.45 4.45
CA ALA A 223 -8.42 -4.12 4.99
C ALA A 223 -6.91 -3.98 4.94
N SER A 224 -6.41 -2.74 4.88
CA SER A 224 -4.97 -2.54 4.87
C SER A 224 -4.53 -1.19 5.40
N LEU A 225 -3.23 -0.94 5.27
CA LEU A 225 -2.55 0.18 5.89
C LEU A 225 -2.09 1.22 4.90
N ASP A 226 -1.99 2.46 5.37
CA ASP A 226 -1.34 3.51 4.63
C ASP A 226 -0.33 4.19 5.59
N LEU A 227 -0.69 5.29 6.23
CA LEU A 227 0.24 5.93 7.16
C LEU A 227 0.24 5.22 8.49
N MET A 228 1.42 4.89 8.97
CA MET A 228 1.57 4.35 10.30
C MET A 228 2.76 5.02 10.94
N ARG A 229 2.51 5.88 11.92
CA ARG A 229 3.56 6.67 12.53
C ARG A 229 3.55 6.54 14.05
N VAL A 230 4.73 6.23 14.59
CA VAL A 230 4.94 6.07 16.02
C VAL A 230 5.86 7.16 16.58
N HIS A 231 5.50 7.72 17.74
CA HIS A 231 6.37 8.64 18.46
C HIS A 231 7.70 7.97 18.79
N PRO A 232 8.82 8.65 18.52
CA PRO A 232 10.17 8.12 18.80
C PRO A 232 10.36 7.70 20.26
N ASP A 233 9.68 8.39 21.17
CA ASP A 233 9.82 8.11 22.59
C ASP A 233 8.75 7.13 23.08
N ALA A 234 7.98 6.58 22.16
CA ALA A 234 6.96 5.63 22.57
C ALA A 234 7.64 4.34 23.04
N PRO A 235 7.00 3.59 23.95
CA PRO A 235 7.51 2.26 24.37
C PRO A 235 7.84 1.36 23.16
N LYS A 236 8.88 0.55 23.28
CA LYS A 236 9.40 -0.21 22.14
C LYS A 236 8.29 -1.09 21.53
N LEU A 237 7.38 -1.54 22.39
CA LEU A 237 6.32 -2.46 22.00
C LEU A 237 5.23 -1.84 21.14
N THR A 238 5.22 -0.51 21.06
CA THR A 238 4.08 0.22 20.52
C THR A 238 3.67 -0.20 19.11
N MET A 239 4.64 -0.35 18.20
CA MET A 239 4.28 -0.66 16.83
C MET A 239 3.74 -2.08 16.69
N GLU A 240 4.31 -3.03 17.44
CA GLU A 240 3.83 -4.39 17.39
C GLU A 240 2.42 -4.45 17.96
N PHE A 241 2.23 -3.77 19.10
CA PHE A 241 0.95 -3.72 19.78
C PHE A 241 -0.14 -3.18 18.86
N LEU A 242 0.18 -2.09 18.18
CA LEU A 242 -0.73 -1.49 17.21
C LEU A 242 -1.13 -2.50 16.11
N MET A 243 -0.15 -3.11 15.49
CA MET A 243 -0.42 -4.07 14.42
C MET A 243 -1.25 -5.26 14.90
N LEU A 244 -0.87 -5.84 16.03
CA LEU A 244 -1.60 -6.95 16.60
C LEU A 244 -3.05 -6.53 16.89
N GLY A 245 -3.21 -5.33 17.44
CA GLY A 245 -4.52 -4.80 17.73
C GLY A 245 -5.40 -4.64 16.50
N LEU A 246 -4.81 -4.17 15.41
CA LEU A 246 -5.54 -4.04 14.16
C LEU A 246 -5.98 -5.40 13.63
N ILE A 247 -5.08 -6.37 13.68
CA ILE A 247 -5.41 -7.74 13.26
C ILE A 247 -6.58 -8.30 14.09
N LEU A 248 -6.48 -8.17 15.41
CA LEU A 248 -7.56 -8.63 16.28
C LEU A 248 -8.86 -7.89 15.98
N HIS A 249 -8.77 -6.57 15.82
CA HIS A 249 -9.93 -5.76 15.45
C HIS A 249 -10.62 -6.27 14.18
N TYR A 250 -9.87 -6.42 13.08
CA TYR A 250 -10.50 -6.84 11.83
C TYR A 250 -10.94 -8.30 11.84
N LYS A 251 -10.23 -9.17 12.56
CA LYS A 251 -10.73 -10.52 12.77
C LYS A 251 -12.11 -10.47 13.41
N ALA A 252 -12.23 -9.66 14.45
CA ALA A 252 -13.49 -9.58 15.18
C ALA A 252 -14.59 -8.93 14.34
N GLN A 253 -14.22 -8.06 13.41
CA GLN A 253 -15.21 -7.42 12.53
C GLN A 253 -15.70 -8.36 11.43
N GLY A 254 -15.06 -9.52 11.30
CA GLY A 254 -15.45 -10.48 10.27
C GLY A 254 -14.72 -10.33 8.95
N HIS A 255 -13.64 -9.55 8.95
CA HIS A 255 -12.83 -9.41 7.75
C HIS A 255 -12.07 -10.71 7.48
N ALA A 256 -11.73 -10.96 6.22
CA ALA A 256 -11.09 -12.20 5.83
C ALA A 256 -9.58 -12.05 5.83
N ARG A 257 -9.09 -10.96 5.24
CA ARG A 257 -7.65 -10.73 5.18
C ARG A 257 -7.27 -9.34 5.63
N PHE A 258 -6.05 -9.21 6.14
CA PHE A 258 -5.53 -7.92 6.52
C PHE A 258 -4.12 -7.74 5.95
N SER A 259 -3.93 -6.70 5.16
CA SER A 259 -2.63 -6.50 4.51
C SER A 259 -1.65 -5.68 5.36
N LEU A 260 -0.46 -6.22 5.54
CA LEU A 260 0.61 -5.53 6.28
C LEU A 260 1.49 -4.70 5.36
N GLY A 261 1.26 -4.78 4.05
CA GLY A 261 2.05 -4.01 3.11
C GLY A 261 3.25 -4.74 2.51
N MET A 262 3.95 -4.05 1.61
CA MET A 262 4.96 -4.69 0.80
C MET A 262 6.38 -4.52 1.34
N VAL A 263 7.17 -5.57 1.19
CA VAL A 263 8.61 -5.51 1.43
C VAL A 263 9.33 -5.59 0.10
N PRO A 264 10.05 -4.53 -0.28
CA PRO A 264 10.79 -4.57 -1.55
C PRO A 264 11.90 -5.62 -1.59
N LEU A 265 12.35 -5.94 -2.80
CA LEU A 265 13.32 -7.01 -3.05
C LEU A 265 14.45 -7.11 -2.03
N ALA A 266 15.11 -5.98 -1.80
CA ALA A 266 16.33 -6.00 -1.00
C ALA A 266 16.05 -6.39 0.46
N GLY A 267 14.79 -6.29 0.87
CA GLY A 267 14.41 -6.68 2.23
C GLY A 267 14.02 -8.16 2.32
N LEU A 268 14.00 -8.87 1.19
CA LEU A 268 13.65 -10.29 1.18
C LEU A 268 14.93 -11.12 1.34
N GLN A 269 14.75 -12.43 1.52
CA GLN A 269 15.89 -13.34 1.60
C GLN A 269 16.69 -13.18 0.31
N PRO A 270 18.00 -12.97 0.43
CA PRO A 270 18.85 -12.68 -0.73
C PRO A 270 18.89 -13.82 -1.76
N ARG A 271 19.01 -13.47 -3.04
CA ARG A 271 19.07 -14.47 -4.11
C ARG A 271 20.04 -14.07 -5.21
N ARG A 272 21.32 -14.36 -5.02
CA ARG A 272 22.28 -14.17 -6.10
C ARG A 272 22.23 -15.43 -6.96
N GLY A 273 22.53 -15.28 -8.24
CA GLY A 273 22.35 -16.36 -9.17
C GLY A 273 20.95 -16.30 -9.78
N ALA A 274 20.13 -15.40 -9.24
CA ALA A 274 18.78 -15.20 -9.75
C ALA A 274 18.81 -14.43 -11.07
N PRO A 275 17.90 -14.75 -11.98
CA PRO A 275 17.91 -13.99 -13.24
C PRO A 275 17.60 -12.51 -13.01
N LEU A 276 18.02 -11.67 -13.95
CA LEU A 276 17.88 -10.23 -13.80
C LEU A 276 16.44 -9.74 -13.58
N THR A 277 15.44 -10.42 -14.16
CA THR A 277 14.04 -9.97 -13.96
C THR A 277 13.65 -10.05 -12.51
N GLN A 278 14.35 -10.89 -11.77
CA GLN A 278 14.03 -11.00 -10.35
C GLN A 278 15.01 -10.21 -9.50
N ARG A 279 15.84 -9.38 -10.14
CA ARG A 279 16.82 -8.56 -9.39
C ARG A 279 16.78 -7.06 -9.70
N LEU A 280 16.66 -6.70 -10.98
CA LEU A 280 16.70 -5.29 -11.40
C LEU A 280 15.71 -4.39 -10.63
N GLY A 281 14.61 -4.95 -10.12
CA GLY A 281 13.62 -4.19 -9.38
C GLY A 281 14.18 -3.49 -8.15
N ALA A 282 15.30 -3.98 -7.61
CA ALA A 282 15.92 -3.32 -6.46
C ALA A 282 16.31 -1.88 -6.80
N LEU A 283 16.52 -1.60 -8.09
CA LEU A 283 16.97 -0.29 -8.54
C LEU A 283 15.94 0.79 -8.28
N VAL A 284 14.71 0.39 -7.98
CA VAL A 284 13.68 1.35 -7.61
C VAL A 284 14.01 2.01 -6.25
N PHE A 285 14.71 1.31 -5.37
CA PHE A 285 14.95 1.84 -4.03
C PHE A 285 16.44 1.98 -3.74
N ARG A 286 17.02 3.07 -4.20
CA ARG A 286 18.42 3.34 -3.91
C ARG A 286 18.52 4.51 -2.97
N ARG A 287 19.50 4.47 -2.09
CA ARG A 287 19.74 5.53 -1.14
C ARG A 287 21.20 5.91 -1.21
N GLY A 288 21.56 6.79 -2.13
CA GLY A 288 22.94 7.23 -2.27
C GLY A 288 23.84 6.12 -2.80
N GLU A 289 24.87 5.79 -2.04
CA GLU A 289 25.83 4.78 -2.47
C GLU A 289 25.38 3.34 -2.20
N GLN A 290 24.12 3.21 -1.78
CA GLN A 290 23.60 1.98 -1.18
C GLN A 290 22.16 1.76 -1.65
N PHE A 291 21.74 0.50 -1.75
CA PHE A 291 20.31 0.15 -1.84
C PHE A 291 19.65 0.35 -0.47
N TYR A 292 18.40 0.78 -0.44
CA TYR A 292 17.60 0.59 0.78
C TYR A 292 17.57 -0.89 1.06
N ASN A 293 17.83 -1.28 2.28
CA ASN A 293 17.87 -2.69 2.60
C ASN A 293 16.67 -3.12 3.43
N PHE A 294 15.93 -2.14 3.95
CA PHE A 294 14.70 -2.42 4.68
C PHE A 294 14.95 -3.43 5.78
N GLN A 295 16.02 -3.18 6.55
CA GLN A 295 16.42 -4.14 7.56
C GLN A 295 15.33 -4.33 8.61
N GLY A 296 15.00 -5.59 8.86
CA GLY A 296 14.06 -5.94 9.90
C GLY A 296 12.61 -5.82 9.51
N LEU A 297 12.35 -5.23 8.34
CA LEU A 297 10.98 -4.98 7.94
C LEU A 297 10.25 -6.32 7.73
N ARG A 298 10.94 -7.23 7.03
CA ARG A 298 10.38 -8.55 6.75
C ARG A 298 10.21 -9.31 8.06
N ARG A 299 11.24 -9.27 8.92
CA ARG A 299 11.20 -9.96 10.20
C ARG A 299 10.03 -9.46 11.05
N PHE A 300 9.79 -8.16 11.03
CA PHE A 300 8.71 -7.59 11.82
C PHE A 300 7.36 -8.12 11.34
N LYS A 301 7.14 -8.09 10.04
CA LYS A 301 5.85 -8.51 9.50
C LYS A 301 5.63 -9.99 9.76
N ASP A 302 6.73 -10.76 9.77
CA ASP A 302 6.63 -12.20 9.96
C ASP A 302 6.21 -12.57 11.36
N LYS A 303 6.24 -11.60 12.28
CA LYS A 303 5.75 -11.82 13.63
C LYS A 303 4.30 -12.27 13.62
N PHE A 304 3.57 -11.91 12.57
CA PHE A 304 2.14 -12.15 12.58
C PHE A 304 1.74 -13.31 11.68
N GLN A 305 2.73 -14.11 11.27
CA GLN A 305 2.53 -15.22 10.33
C GLN A 305 1.67 -14.87 9.12
N PRO A 306 2.05 -13.80 8.40
CA PRO A 306 1.31 -13.54 7.16
C PRO A 306 1.61 -14.55 6.08
N ASP A 307 0.89 -14.44 4.98
CA ASP A 307 1.24 -15.12 3.74
C ASP A 307 1.88 -14.10 2.81
N TRP A 308 2.82 -14.55 1.99
CA TRP A 308 3.55 -13.63 1.14
C TRP A 308 3.24 -13.84 -0.34
N GLU A 309 3.01 -12.77 -1.09
CA GLU A 309 2.81 -12.88 -2.53
C GLU A 309 3.65 -11.84 -3.24
N PRO A 310 4.23 -12.22 -4.39
CA PRO A 310 5.05 -11.27 -5.13
C PRO A 310 4.23 -10.08 -5.62
N ARG A 311 4.90 -8.96 -5.85
CA ARG A 311 4.31 -7.81 -6.53
C ARG A 311 5.27 -7.44 -7.63
N TYR A 312 4.77 -6.92 -8.74
CA TYR A 312 5.62 -6.72 -9.88
C TYR A 312 5.61 -5.29 -10.37
N LEU A 313 6.64 -4.96 -11.13
CA LEU A 313 6.69 -3.74 -11.91
C LEU A 313 6.50 -4.14 -13.37
N ALA A 314 5.41 -3.72 -13.98
CA ALA A 314 5.19 -4.04 -15.39
C ALA A 314 5.77 -2.93 -16.28
N VAL A 315 6.63 -3.34 -17.23
CA VAL A 315 7.36 -2.41 -18.07
C VAL A 315 7.37 -2.91 -19.51
N PRO A 316 7.58 -2.02 -20.49
CA PRO A 316 7.60 -2.39 -21.92
C PRO A 316 8.51 -3.59 -22.24
N ALA A 317 7.94 -4.58 -22.90
CA ALA A 317 8.69 -5.78 -23.28
C ALA A 317 9.70 -5.45 -24.37
N GLY A 318 10.81 -6.18 -24.38
CA GLY A 318 11.79 -6.07 -25.44
C GLY A 318 12.74 -4.90 -25.32
N LEU A 319 12.41 -3.95 -24.46
CA LEU A 319 13.25 -2.75 -24.30
C LEU A 319 13.95 -2.70 -22.95
N ASP A 320 15.15 -2.14 -22.95
CA ASP A 320 15.94 -2.01 -21.73
C ASP A 320 15.11 -1.36 -20.66
N PRO A 321 14.90 -2.05 -19.54
CA PRO A 321 14.04 -1.48 -18.51
C PRO A 321 14.71 -0.42 -17.64
N LEU A 322 16.00 -0.13 -17.85
CA LEU A 322 16.67 0.83 -16.98
C LEU A 322 15.95 2.19 -16.96
N VAL A 323 15.47 2.65 -18.11
CA VAL A 323 14.88 3.99 -18.09
C VAL A 323 13.54 3.97 -17.34
N ALA A 324 12.72 2.93 -17.54
CA ALA A 324 11.48 2.83 -16.75
C ALA A 324 11.79 2.73 -15.26
N LEU A 325 12.86 2.02 -14.93
CA LEU A 325 13.29 1.90 -13.55
C LEU A 325 13.72 3.28 -12.97
N ALA A 326 14.45 4.07 -13.74
CA ALA A 326 14.84 5.41 -13.29
C ALA A 326 13.61 6.28 -13.01
N ASP A 327 12.63 6.24 -13.92
CA ASP A 327 11.42 7.02 -13.77
C ASP A 327 10.64 6.58 -12.55
N THR A 328 10.57 5.28 -12.35
CA THR A 328 9.85 4.75 -11.20
C THR A 328 10.60 5.15 -9.92
N ALA A 329 11.92 5.05 -9.92
CA ALA A 329 12.71 5.46 -8.75
C ALA A 329 12.44 6.91 -8.37
N ALA A 330 12.42 7.80 -9.37
CA ALA A 330 12.17 9.22 -9.10
C ALA A 330 10.78 9.41 -8.53
N LEU A 331 9.83 8.68 -9.10
CA LEU A 331 8.46 8.83 -8.68
C LEU A 331 8.28 8.37 -7.23
N ILE A 332 8.92 7.26 -6.87
CA ILE A 332 8.76 6.67 -5.55
C ILE A 332 9.48 7.49 -4.48
N ALA A 333 10.61 8.10 -4.86
CA ALA A 333 11.42 8.89 -3.93
C ALA A 333 10.73 10.19 -3.48
S SO4 B . 17.69 0.59 5.10
O1 SO4 B . 16.43 0.74 4.37
O2 SO4 B . 17.93 1.80 5.90
O3 SO4 B . 18.79 0.44 4.15
O4 SO4 B . 17.65 -0.59 5.96
S SO4 C . -22.41 4.57 -2.01
O1 SO4 C . -21.85 5.62 -2.84
O2 SO4 C . -23.03 5.16 -0.83
O3 SO4 C . -21.36 3.65 -1.57
O4 SO4 C . -23.43 3.84 -2.78
C1 GOL D . -7.10 -7.16 -8.83
O1 GOL D . -6.25 -8.26 -9.03
C2 GOL D . -7.36 -6.99 -7.34
O2 GOL D . -6.16 -6.64 -6.66
C3 GOL D . -8.02 -8.24 -6.75
O3 GOL D . -9.39 -8.01 -6.47
C1 GOL E . -12.55 -10.36 -9.76
O1 GOL E . -11.70 -10.64 -8.69
C2 GOL E . -13.62 -9.40 -9.27
O2 GOL E . -14.29 -10.01 -8.20
C3 GOL E . -14.64 -9.12 -10.37
O3 GOL E . -15.71 -8.35 -9.84
C ACT F . 25.39 6.95 -7.24
O ACT F . 25.03 6.90 -8.44
OXT ACT F . 25.25 8.04 -6.63
CH3 ACT F . 25.99 5.75 -6.58
C ACT G . 0.95 15.70 -21.95
O ACT G . 1.15 15.09 -20.87
OXT ACT G . 1.68 15.37 -22.93
CH3 ACT G . -0.10 16.76 -22.05
C ACT H . 8.68 5.83 -25.76
O ACT H . 7.72 5.87 -26.57
OXT ACT H . 8.78 6.83 -25.01
CH3 ACT H . 9.63 4.66 -25.68
C ACT I . 7.58 0.56 1.22
O ACT I . 7.82 1.76 0.95
OXT ACT I . 6.84 -0.05 0.42
CH3 ACT I . 8.17 -0.11 2.43
C ACT J . 25.53 7.92 1.01
O ACT J . 24.98 9.04 1.06
OXT ACT J . 24.86 6.98 0.52
CH3 ACT J . 26.92 7.69 1.51
C ACT K . 17.72 -8.66 8.44
O ACT K . 17.10 -7.96 7.58
OXT ACT K . 17.04 -9.52 9.04
CH3 ACT K . 19.19 -8.49 8.72
C ACT L . 10.43 0.52 26.59
O ACT L . 10.53 1.66 26.11
OXT ACT L . 9.31 0.24 27.07
CH3 ACT L . 11.57 -0.47 26.59
CA CA M . 5.76 0.59 -25.31
NA NA N . -17.68 -3.62 -19.51
CL CL O . 1.20 -18.28 27.32
CL CL P . -18.77 -1.25 9.87
C1 GOL Q . 23.18 -3.88 -10.70
O1 GOL Q . 24.55 -3.65 -10.94
C2 GOL Q . 23.01 -4.24 -9.23
O2 GOL Q . 24.28 -4.53 -8.71
C3 GOL Q . 22.13 -5.49 -9.13
O3 GOL Q . 20.78 -5.10 -9.04
#